data_4LRQ
#
_entry.id   4LRQ
#
_cell.length_a   87.470
_cell.length_b   87.470
_cell.length_c   73.850
_cell.angle_alpha   90.00
_cell.angle_beta   90.00
_cell.angle_gamma   120.00
#
_symmetry.space_group_name_H-M   'P 31'
#
loop_
_entity.id
_entity.type
_entity.pdbx_description
1 polymer 'Phosphotyrosine protein phosphatase'
2 non-polymer '3[N-MORPHOLINO]PROPANE SULFONIC ACID'
3 non-polymer 'SULFATE ION'
4 water water
#
_entity_poly.entity_id   1
_entity_poly.type   'polypeptide(L)'
_entity_poly.pdbx_seq_one_letter_code
;MQKVLVVCMGNICRSPTAEAVLRAKAAQLKVDVEVDSAGTIGYHQGNPPDARSKAAGEKRGYSFSGIKARKIRDEDFVKF
DWILAADQENLAELKARCPQSHQHKLSLMLSHSDSEYQEIPDPYYGGERGFELVLDLVEDAAEQFLLKLKQQGQH
;
_entity_poly.pdbx_strand_id   A,B,C,D
#
loop_
_chem_comp.id
_chem_comp.type
_chem_comp.name
_chem_comp.formula
MPO non-polymer '3[N-MORPHOLINO]PROPANE SULFONIC ACID' 'C7 H15 N O4 S'
SO4 non-polymer 'SULFATE ION' 'O4 S -2'
#
# COMPACT_ATOMS: atom_id res chain seq x y z
N GLN A 2 19.47 -8.42 24.13
CA GLN A 2 18.19 -9.18 23.98
C GLN A 2 17.41 -8.70 22.77
N LYS A 3 16.74 -9.63 22.10
CA LYS A 3 16.02 -9.32 20.87
C LYS A 3 14.63 -9.93 20.88
N VAL A 4 13.65 -9.12 20.46
CA VAL A 4 12.25 -9.53 20.47
C VAL A 4 11.68 -9.41 19.06
N LEU A 5 11.04 -10.48 18.58
CA LEU A 5 10.36 -10.46 17.28
C LEU A 5 8.87 -10.67 17.50
N VAL A 6 8.05 -9.79 16.94
CA VAL A 6 6.59 -9.98 16.98
C VAL A 6 6.11 -10.45 15.61
N VAL A 7 5.24 -11.46 15.61
CA VAL A 7 4.76 -12.09 14.38
C VAL A 7 3.24 -12.05 14.29
N CYS A 8 2.73 -11.47 13.21
CA CYS A 8 1.32 -11.64 12.86
C CYS A 8 1.25 -12.29 11.48
N MET A 9 0.12 -12.19 10.79
CA MET A 9 -0.01 -12.89 9.51
C MET A 9 0.68 -12.13 8.38
N GLY A 10 0.26 -10.89 8.16
CA GLY A 10 0.73 -10.10 7.02
C GLY A 10 1.86 -9.14 7.33
N ASN A 11 2.13 -8.91 8.62
CA ASN A 11 3.15 -7.94 9.04
C ASN A 11 2.86 -6.53 8.51
N ILE A 12 1.59 -6.16 8.46
CA ILE A 12 1.19 -4.80 8.07
C ILE A 12 0.29 -4.08 9.08
N CYS A 13 -0.45 -4.83 9.90
CA CYS A 13 -1.32 -4.22 10.90
C CYS A 13 -0.88 -4.49 12.33
N ARG A 14 -0.90 -5.76 12.73
CA ARG A 14 -0.73 -6.10 14.14
C ARG A 14 0.73 -6.06 14.63
N SER A 15 1.61 -6.84 14.01
CA SER A 15 3.01 -6.89 14.46
C SER A 15 3.80 -5.59 14.27
N PRO A 16 3.52 -4.82 13.19
CA PRO A 16 4.21 -3.52 13.09
C PRO A 16 3.82 -2.55 14.21
N THR A 17 2.55 -2.59 14.61
CA THR A 17 2.07 -1.76 15.71
C THR A 17 2.74 -2.19 17.01
N ALA A 18 2.80 -3.50 17.24
CA ALA A 18 3.50 -4.04 18.40
C ALA A 18 4.96 -3.64 18.45
N GLU A 19 5.63 -3.67 17.29
CA GLU A 19 7.05 -3.32 17.19
C GLU A 19 7.25 -1.83 17.48
N ALA A 20 6.39 -0.99 16.93
CA ALA A 20 6.48 0.45 17.15
C ALA A 20 6.30 0.79 18.62
N VAL A 21 5.31 0.18 19.27
CA VAL A 21 5.04 0.44 20.68
C VAL A 21 6.16 -0.09 21.58
N LEU A 22 6.65 -1.29 21.29
CA LEU A 22 7.74 -1.86 22.07
C LEU A 22 9.01 -1.02 21.95
N ARG A 23 9.30 -0.56 20.74
CA ARG A 23 10.47 0.29 20.51
C ARG A 23 10.37 1.57 21.33
N ALA A 24 9.23 2.25 21.23
CA ALA A 24 9.03 3.52 21.95
C ALA A 24 9.06 3.33 23.46
N LYS A 25 8.36 2.30 23.95
CA LYS A 25 8.32 2.03 25.39
C LYS A 25 9.66 1.55 25.93
N ALA A 26 10.39 0.75 25.14
CA ALA A 26 11.72 0.31 25.54
C ALA A 26 12.64 1.51 25.76
N ALA A 27 12.55 2.48 24.86
CA ALA A 27 13.35 3.71 24.95
C ALA A 27 12.99 4.53 26.19
N GLN A 28 11.70 4.71 26.43
CA GLN A 28 11.22 5.42 27.62
C GLN A 28 11.67 4.74 28.92
N LEU A 29 11.50 3.41 28.96
CA LEU A 29 11.79 2.62 30.15
C LEU A 29 13.27 2.23 30.25
N LYS A 30 14.07 2.65 29.27
CA LYS A 30 15.52 2.41 29.26
C LYS A 30 15.87 0.93 29.30
N VAL A 31 15.13 0.15 28.52
CA VAL A 31 15.41 -1.28 28.36
C VAL A 31 16.15 -1.49 27.06
N ASP A 32 17.38 -2.02 27.14
CA ASP A 32 18.19 -2.23 25.95
C ASP A 32 17.78 -3.51 25.23
N VAL A 33 16.83 -3.37 24.32
CA VAL A 33 16.30 -4.49 23.55
C VAL A 33 16.15 -4.05 22.10
N GLU A 34 16.42 -4.98 21.20
CA GLU A 34 16.17 -4.78 19.77
C GLU A 34 14.82 -5.40 19.45
N VAL A 35 13.97 -4.66 18.72
CA VAL A 35 12.65 -5.16 18.35
C VAL A 35 12.51 -5.19 16.82
N ASP A 36 11.72 -6.14 16.34
CA ASP A 36 11.52 -6.34 14.92
C ASP A 36 10.18 -7.03 14.76
N SER A 37 9.67 -7.13 13.53
CA SER A 37 8.45 -7.87 13.28
C SER A 37 8.51 -8.60 11.95
N ALA A 38 7.67 -9.62 11.82
CA ALA A 38 7.56 -10.36 10.58
C ALA A 38 6.17 -10.97 10.46
N GLY A 39 5.84 -11.44 9.26
CA GLY A 39 4.57 -12.12 9.02
C GLY A 39 4.80 -13.59 8.70
N THR A 40 3.74 -14.38 8.80
CA THR A 40 3.83 -15.79 8.42
C THR A 40 3.71 -15.97 6.92
N ILE A 41 3.16 -14.96 6.24
CA ILE A 41 3.08 -14.96 4.78
C ILE A 41 3.83 -13.75 4.22
N GLY A 42 4.16 -13.80 2.94
CA GLY A 42 4.90 -12.73 2.28
C GLY A 42 4.07 -11.97 1.27
N TYR A 43 2.74 -12.07 1.38
CA TYR A 43 1.82 -11.38 0.48
C TYR A 43 2.12 -9.89 0.41
N HIS A 44 2.41 -9.30 1.57
CA HIS A 44 2.65 -7.86 1.69
C HIS A 44 4.14 -7.50 1.62
N GLN A 45 5.00 -8.49 1.39
CA GLN A 45 6.45 -8.30 1.35
C GLN A 45 6.88 -6.95 0.77
N GLY A 46 7.59 -6.16 1.58
CA GLY A 46 8.14 -4.89 1.13
C GLY A 46 7.25 -3.68 1.36
N ASN A 47 6.00 -3.93 1.77
CA ASN A 47 5.04 -2.84 1.99
C ASN A 47 5.27 -2.13 3.32
N PRO A 48 4.99 -0.83 3.36
CA PRO A 48 4.94 -0.11 4.64
C PRO A 48 3.73 -0.58 5.44
N PRO A 49 3.69 -0.26 6.75
CA PRO A 49 2.52 -0.67 7.53
C PRO A 49 1.22 -0.09 6.96
N ASP A 50 0.12 -0.79 7.22
CA ASP A 50 -1.19 -0.30 6.81
C ASP A 50 -1.36 1.16 7.21
N ALA A 51 -1.84 1.98 6.30
CA ALA A 51 -1.97 3.42 6.53
C ALA A 51 -2.90 3.77 7.69
N ARG A 52 -3.91 2.94 7.93
CA ARG A 52 -4.82 3.15 9.07
C ARG A 52 -4.11 2.79 10.36
N SER A 53 -3.39 1.67 10.35
CA SER A 53 -2.58 1.25 11.50
C SER A 53 -1.54 2.32 11.85
N LYS A 54 -0.87 2.84 10.81
CA LYS A 54 0.14 3.86 11.01
C LYS A 54 -0.47 5.16 11.56
N ALA A 55 -1.58 5.59 10.97
CA ALA A 55 -2.24 6.82 11.42
C ALA A 55 -2.71 6.70 12.87
N ALA A 56 -3.31 5.56 13.20
CA ALA A 56 -3.86 5.35 14.55
C ALA A 56 -2.75 5.31 15.61
N GLY A 57 -1.61 4.73 15.27
CA GLY A 57 -0.48 4.68 16.19
C GLY A 57 0.19 6.03 16.35
N GLU A 58 0.36 6.76 15.26
CA GLU A 58 0.97 8.08 15.29
C GLU A 58 0.12 9.05 16.12
N LYS A 59 -1.18 8.78 16.18
CA LYS A 59 -2.10 9.54 17.03
C LYS A 59 -1.70 9.48 18.51
N ARG A 60 -1.06 8.39 18.91
CA ARG A 60 -0.63 8.18 20.29
C ARG A 60 0.88 8.41 20.48
N GLY A 61 1.53 8.91 19.42
CA GLY A 61 2.94 9.29 19.48
C GLY A 61 3.94 8.27 18.99
N TYR A 62 3.47 7.16 18.42
CA TYR A 62 4.35 6.06 18.02
C TYR A 62 4.86 6.22 16.58
N SER A 63 6.15 5.98 16.39
CA SER A 63 6.77 6.06 15.07
C SER A 63 6.83 4.69 14.41
N PHE A 64 6.46 4.63 13.14
CA PHE A 64 6.53 3.40 12.35
C PHE A 64 7.69 3.43 11.36
N SER A 65 8.61 4.37 11.57
CA SER A 65 9.79 4.49 10.73
C SER A 65 10.61 3.21 10.80
N GLY A 66 11.09 2.75 9.65
CA GLY A 66 11.96 1.58 9.59
C GLY A 66 11.23 0.25 9.59
N ILE A 67 9.91 0.28 9.42
CA ILE A 67 9.11 -0.94 9.38
C ILE A 67 8.58 -1.20 7.98
N LYS A 68 9.00 -2.32 7.39
CA LYS A 68 8.46 -2.79 6.12
C LYS A 68 8.13 -4.27 6.23
N ALA A 69 7.01 -4.68 5.63
CA ALA A 69 6.54 -6.05 5.74
C ALA A 69 7.55 -7.05 5.19
N ARG A 70 7.75 -8.13 5.93
CA ARG A 70 8.60 -9.22 5.49
C ARG A 70 8.10 -10.53 6.08
N LYS A 71 8.35 -11.63 5.37
CA LYS A 71 8.00 -12.95 5.88
C LYS A 71 9.08 -13.42 6.85
N ILE A 72 8.67 -14.25 7.81
CA ILE A 72 9.61 -14.82 8.77
C ILE A 72 10.59 -15.77 8.07
N ARG A 73 11.82 -15.80 8.58
CA ARG A 73 12.89 -16.62 8.03
C ARG A 73 13.30 -17.68 9.05
N ASP A 74 13.90 -18.77 8.57
CA ASP A 74 14.43 -19.80 9.47
C ASP A 74 15.43 -19.19 10.45
N GLU A 75 16.17 -18.19 9.97
CA GLU A 75 17.20 -17.54 10.76
C GLU A 75 16.63 -16.72 11.93
N ASP A 76 15.33 -16.44 11.91
CA ASP A 76 14.69 -15.69 12.99
C ASP A 76 14.61 -16.46 14.29
N PHE A 77 14.43 -17.76 14.19
CA PHE A 77 14.24 -18.61 15.37
C PHE A 77 15.53 -18.76 16.17
N VAL A 78 16.66 -18.59 15.49
CA VAL A 78 17.98 -18.62 16.15
C VAL A 78 18.39 -17.22 16.62
N LYS A 79 18.06 -16.20 15.84
CA LYS A 79 18.51 -14.82 16.13
C LYS A 79 17.82 -14.18 17.34
N PHE A 80 16.51 -14.38 17.47
CA PHE A 80 15.75 -13.69 18.51
C PHE A 80 15.65 -14.51 19.80
N ASP A 81 15.48 -13.80 20.92
CA ASP A 81 15.34 -14.45 22.23
C ASP A 81 13.86 -14.67 22.57
N TRP A 82 13.01 -13.73 22.15
CA TRP A 82 11.56 -13.86 22.28
C TRP A 82 10.91 -13.72 20.93
N ILE A 83 9.98 -14.62 20.63
CA ILE A 83 9.14 -14.52 19.43
C ILE A 83 7.68 -14.55 19.87
N LEU A 84 6.99 -13.42 19.68
CA LEU A 84 5.64 -13.24 20.19
C LEU A 84 4.62 -13.22 19.05
N ALA A 85 3.64 -14.12 19.12
CA ALA A 85 2.63 -14.24 18.08
C ALA A 85 1.38 -13.41 18.40
N ALA A 86 0.77 -12.82 17.38
CA ALA A 86 -0.44 -12.02 17.58
C ALA A 86 -1.63 -12.91 17.96
N ASP A 87 -1.81 -14.01 17.24
CA ASP A 87 -2.91 -14.95 17.53
C ASP A 87 -2.47 -16.41 17.43
N GLN A 88 -3.41 -17.32 17.67
CA GLN A 88 -3.11 -18.75 17.74
C GLN A 88 -2.76 -19.39 16.40
N GLU A 89 -3.29 -18.85 15.30
CA GLU A 89 -2.89 -19.33 13.98
C GLU A 89 -1.45 -18.93 13.69
N ASN A 90 -1.07 -17.72 14.07
CA ASN A 90 0.33 -17.29 13.97
C ASN A 90 1.23 -18.22 14.76
N LEU A 91 0.84 -18.51 16.00
CA LEU A 91 1.63 -19.37 16.88
C LEU A 91 1.76 -20.78 16.33
N ALA A 92 0.69 -21.29 15.72
CA ALA A 92 0.73 -22.60 15.09
C ALA A 92 1.76 -22.63 13.94
N GLU A 93 1.78 -21.58 13.14
CA GLU A 93 2.74 -21.50 12.02
C GLU A 93 4.18 -21.47 12.55
N LEU A 94 4.40 -20.70 13.60
CA LEU A 94 5.71 -20.61 14.24
C LEU A 94 6.13 -21.96 14.84
N LYS A 95 5.21 -22.60 15.56
CA LYS A 95 5.49 -23.90 16.15
C LYS A 95 5.88 -24.94 15.11
N ALA A 96 5.29 -24.85 13.92
CA ALA A 96 5.60 -25.78 12.84
C ALA A 96 6.96 -25.54 12.20
N ARG A 97 7.39 -24.28 12.13
CA ARG A 97 8.62 -23.91 11.42
C ARG A 97 9.84 -23.82 12.33
N CYS A 98 9.62 -23.52 13.60
CA CYS A 98 10.69 -23.33 14.57
C CYS A 98 11.36 -24.66 14.95
N PRO A 99 12.70 -24.71 14.95
CA PRO A 99 13.38 -25.92 15.45
C PRO A 99 12.98 -26.25 16.88
N GLN A 100 13.04 -27.52 17.26
CA GLN A 100 12.65 -27.94 18.60
C GLN A 100 13.47 -27.24 19.67
N SER A 101 14.74 -27.00 19.37
CA SER A 101 15.68 -26.36 20.29
C SER A 101 15.24 -24.96 20.70
N HIS A 102 14.49 -24.27 19.84
CA HIS A 102 14.10 -22.89 20.06
C HIS A 102 12.61 -22.71 20.36
N GLN A 103 11.87 -23.81 20.42
CA GLN A 103 10.44 -23.77 20.71
C GLN A 103 10.12 -22.99 21.98
N HIS A 104 11.05 -23.02 22.95
CA HIS A 104 10.87 -22.31 24.22
C HIS A 104 10.72 -20.80 24.04
N LYS A 105 11.13 -20.28 22.88
CA LYS A 105 11.08 -18.85 22.58
C LYS A 105 9.70 -18.35 22.14
N LEU A 106 8.80 -19.27 21.82
CA LEU A 106 7.52 -18.92 21.21
C LEU A 106 6.43 -18.74 22.26
N SER A 107 5.64 -17.68 22.10
CA SER A 107 4.48 -17.46 22.97
C SER A 107 3.53 -16.44 22.33
N LEU A 108 2.27 -16.45 22.77
CA LEU A 108 1.33 -15.41 22.37
C LEU A 108 1.74 -14.11 23.05
N MET A 109 1.70 -13.00 22.32
CA MET A 109 2.06 -11.72 22.91
C MET A 109 1.20 -11.40 24.15
N LEU A 110 -0.10 -11.67 24.06
CA LEU A 110 -1.01 -11.34 25.17
C LEU A 110 -0.94 -12.34 26.32
N SER A 111 -0.16 -13.41 26.18
CA SER A 111 0.13 -14.28 27.31
C SER A 111 1.00 -13.56 28.36
N HIS A 112 1.54 -12.40 27.97
CA HIS A 112 2.34 -11.58 28.87
C HIS A 112 1.55 -10.36 29.35
N SER A 113 0.22 -10.42 29.18
CA SER A 113 -0.67 -9.35 29.60
C SER A 113 -1.82 -9.94 30.41
N ASP A 114 -2.13 -9.30 31.54
CA ASP A 114 -3.31 -9.67 32.31
C ASP A 114 -4.52 -9.01 31.65
N SER A 115 -5.06 -9.68 30.66
CA SER A 115 -6.11 -9.14 29.80
C SER A 115 -7.13 -10.21 29.47
N GLU A 116 -8.37 -9.79 29.26
CA GLU A 116 -9.45 -10.70 28.84
C GLU A 116 -9.25 -11.21 27.40
N TYR A 117 -8.32 -10.60 26.69
CA TYR A 117 -7.93 -11.04 25.36
C TYR A 117 -6.75 -12.01 25.43
N GLN A 118 -6.85 -13.11 24.68
CA GLN A 118 -5.74 -14.04 24.52
C GLN A 118 -5.03 -13.78 23.18
N GLU A 119 -5.81 -13.33 22.20
CA GLU A 119 -5.29 -13.07 20.86
C GLU A 119 -5.56 -11.63 20.47
N ILE A 120 -4.76 -11.12 19.53
CA ILE A 120 -4.98 -9.79 18.97
C ILE A 120 -5.80 -9.97 17.69
N PRO A 121 -7.03 -9.43 17.67
CA PRO A 121 -7.85 -9.60 16.46
C PRO A 121 -7.35 -8.77 15.28
N ASP A 122 -7.49 -9.33 14.08
CA ASP A 122 -7.05 -8.71 12.84
C ASP A 122 -7.99 -7.56 12.47
N PRO A 123 -7.47 -6.33 12.43
CA PRO A 123 -8.32 -5.18 12.12
C PRO A 123 -8.49 -4.92 10.62
N TYR A 124 -7.84 -5.71 9.78
CA TYR A 124 -7.68 -5.35 8.37
C TYR A 124 -9.00 -5.09 7.62
N TYR A 125 -9.98 -5.96 7.81
CA TYR A 125 -11.25 -5.88 7.06
C TYR A 125 -12.36 -5.18 7.84
N GLY A 126 -11.99 -4.46 8.90
CA GLY A 126 -12.97 -3.82 9.76
C GLY A 126 -12.85 -2.31 9.80
N GLY A 127 -13.55 -1.70 10.75
CA GLY A 127 -13.58 -0.25 10.90
C GLY A 127 -12.53 0.28 11.85
N GLU A 128 -12.68 1.56 12.23
CA GLU A 128 -11.67 2.24 13.05
C GLU A 128 -11.57 1.65 14.45
N ARG A 129 -12.67 1.13 14.98
CA ARG A 129 -12.67 0.56 16.33
C ARG A 129 -11.61 -0.52 16.48
N GLY A 130 -11.46 -1.36 15.45
CA GLY A 130 -10.49 -2.46 15.49
C GLY A 130 -9.05 -2.01 15.54
N PHE A 131 -8.75 -0.89 14.90
CA PHE A 131 -7.40 -0.33 14.92
C PHE A 131 -7.06 0.28 16.27
N GLU A 132 -8.05 0.89 16.91
CA GLU A 132 -7.88 1.42 18.26
C GLU A 132 -7.74 0.27 19.26
N LEU A 133 -8.42 -0.83 18.99
CA LEU A 133 -8.34 -2.01 19.85
C LEU A 133 -6.94 -2.62 19.82
N VAL A 134 -6.34 -2.76 18.65
CA VAL A 134 -4.99 -3.30 18.53
C VAL A 134 -4.01 -2.49 19.39
N LEU A 135 -4.11 -1.17 19.31
CA LEU A 135 -3.24 -0.29 20.09
C LEU A 135 -3.46 -0.46 21.60
N ASP A 136 -4.72 -0.46 22.01
CA ASP A 136 -5.06 -0.66 23.43
C ASP A 136 -4.42 -1.94 23.96
N LEU A 137 -4.60 -3.04 23.23
CA LEU A 137 -4.08 -4.35 23.64
C LEU A 137 -2.56 -4.36 23.67
N VAL A 138 -1.94 -3.75 22.65
CA VAL A 138 -0.50 -3.76 22.50
C VAL A 138 0.21 -2.88 23.54
N GLU A 139 -0.36 -1.73 23.84
CA GLU A 139 0.21 -0.84 24.86
C GLU A 139 0.29 -1.52 26.21
N ASP A 140 -0.82 -2.13 26.61
CA ASP A 140 -0.89 -2.87 27.87
C ASP A 140 0.09 -4.04 27.89
N ALA A 141 0.03 -4.88 26.86
CA ALA A 141 0.92 -6.04 26.78
C ALA A 141 2.39 -5.61 26.75
N ALA A 142 2.71 -4.59 25.95
CA ALA A 142 4.08 -4.07 25.89
C ALA A 142 4.58 -3.57 27.24
N GLU A 143 3.73 -2.84 27.97
CA GLU A 143 4.08 -2.35 29.31
C GLU A 143 4.40 -3.49 30.26
N GLN A 144 3.55 -4.50 30.29
CA GLN A 144 3.71 -5.64 31.20
C GLN A 144 4.90 -6.53 30.80
N PHE A 145 5.07 -6.73 29.50
CA PHE A 145 6.17 -7.55 28.99
C PHE A 145 7.53 -6.91 29.23
N LEU A 146 7.64 -5.62 28.95
CA LEU A 146 8.90 -4.90 29.18
C LEU A 146 9.23 -4.83 30.67
N LEU A 147 8.20 -4.80 31.52
CA LEU A 147 8.41 -4.83 32.97
C LEU A 147 9.05 -6.16 33.38
N LYS A 148 8.57 -7.25 32.78
CA LYS A 148 9.11 -8.58 33.06
C LYS A 148 10.58 -8.68 32.62
N LEU A 149 10.92 -8.05 31.50
CA LEU A 149 12.32 -7.98 31.07
C LEU A 149 13.11 -7.02 31.96
N MET B 1 35.88 5.86 2.41
CA MET B 1 35.57 7.26 2.03
C MET B 1 34.12 7.59 2.37
N GLN B 2 33.91 8.74 3.00
CA GLN B 2 32.56 9.18 3.37
C GLN B 2 31.72 9.45 2.12
N LYS B 3 30.44 9.07 2.18
CA LYS B 3 29.54 9.23 1.05
C LYS B 3 28.26 9.93 1.48
N VAL B 4 27.82 10.88 0.66
CA VAL B 4 26.63 11.68 0.95
C VAL B 4 25.63 11.59 -0.19
N LEU B 5 24.36 11.37 0.15
CA LEU B 5 23.27 11.36 -0.82
C LEU B 5 22.27 12.45 -0.47
N VAL B 6 21.94 13.32 -1.42
CA VAL B 6 20.87 14.29 -1.21
C VAL B 6 19.61 13.83 -1.96
N VAL B 7 18.48 13.84 -1.26
CA VAL B 7 17.22 13.36 -1.81
C VAL B 7 16.17 14.47 -1.82
N CYS B 8 15.57 14.69 -2.98
CA CYS B 8 14.35 15.50 -3.06
C CYS B 8 13.26 14.65 -3.71
N MET B 9 12.20 15.27 -4.22
CA MET B 9 11.10 14.48 -4.76
C MET B 9 11.44 13.90 -6.13
N GLY B 10 11.74 14.79 -7.09
CA GLY B 10 11.94 14.40 -8.48
C GLY B 10 13.38 14.30 -8.92
N ASN B 11 14.31 14.76 -8.09
CA ASN B 11 15.74 14.73 -8.42
C ASN B 11 16.07 15.48 -9.72
N ILE B 12 15.38 16.59 -9.96
CA ILE B 12 15.67 17.43 -11.12
C ILE B 12 15.94 18.90 -10.76
N CYS B 13 15.44 19.35 -9.61
CA CYS B 13 15.67 20.74 -9.20
C CYS B 13 16.52 20.86 -7.94
N ARG B 14 16.02 20.32 -6.83
CA ARG B 14 16.64 20.58 -5.53
C ARG B 14 17.89 19.76 -5.27
N SER B 15 17.75 18.43 -5.23
CA SER B 15 18.90 17.57 -4.89
C SER B 15 20.04 17.62 -5.91
N PRO B 16 19.72 17.78 -7.22
CA PRO B 16 20.83 17.98 -8.16
C PRO B 16 21.64 19.24 -7.85
N THR B 17 20.96 20.31 -7.46
CA THR B 17 21.62 21.56 -7.10
C THR B 17 22.47 21.36 -5.85
N ALA B 18 21.94 20.64 -4.86
CA ALA B 18 22.69 20.34 -3.64
C ALA B 18 23.92 19.49 -3.97
N GLU B 19 23.75 18.49 -4.83
CA GLU B 19 24.86 17.63 -5.23
C GLU B 19 25.96 18.44 -5.92
N ALA B 20 25.55 19.24 -6.91
CA ALA B 20 26.49 20.07 -7.66
C ALA B 20 27.25 21.02 -6.75
N VAL B 21 26.54 21.63 -5.80
CA VAL B 21 27.18 22.59 -4.87
C VAL B 21 28.09 21.88 -3.86
N LEU B 22 27.65 20.72 -3.36
CA LEU B 22 28.45 19.94 -2.42
C LEU B 22 29.74 19.44 -3.06
N ARG B 23 29.65 18.96 -4.30
CA ARG B 23 30.81 18.49 -5.04
C ARG B 23 31.84 19.59 -5.22
N ALA B 24 31.40 20.76 -5.66
CA ALA B 24 32.31 21.89 -5.93
C ALA B 24 32.94 22.44 -4.66
N LYS B 25 32.16 22.54 -3.59
CA LYS B 25 32.68 23.05 -2.31
C LYS B 25 33.59 22.02 -1.64
N ALA B 26 33.27 20.74 -1.78
CA ALA B 26 34.12 19.69 -1.24
C ALA B 26 35.50 19.71 -1.89
N ALA B 27 35.53 19.90 -3.20
CA ALA B 27 36.79 19.99 -3.95
C ALA B 27 37.58 21.20 -3.51
N GLN B 28 36.89 22.33 -3.36
CA GLN B 28 37.50 23.59 -2.93
C GLN B 28 38.09 23.47 -1.52
N LEU B 29 37.33 22.85 -0.62
CA LEU B 29 37.73 22.71 0.78
C LEU B 29 38.58 21.47 1.04
N LYS B 30 38.83 20.69 -0.03
CA LYS B 30 39.64 19.48 0.04
C LYS B 30 39.10 18.47 1.06
N VAL B 31 37.80 18.20 0.95
CA VAL B 31 37.15 17.16 1.75
C VAL B 31 36.98 15.93 0.88
N ASP B 32 37.50 14.80 1.32
CA ASP B 32 37.34 13.56 0.59
C ASP B 32 35.94 12.98 0.82
N VAL B 33 35.02 13.36 -0.05
CA VAL B 33 33.66 12.80 0.00
C VAL B 33 33.10 12.57 -1.41
N GLU B 34 32.32 11.51 -1.55
CA GLU B 34 31.57 11.26 -2.77
C GLU B 34 30.16 11.75 -2.55
N VAL B 35 29.62 12.50 -3.51
CA VAL B 35 28.27 13.04 -3.40
C VAL B 35 27.40 12.52 -4.54
N ASP B 36 26.13 12.23 -4.22
CA ASP B 36 25.18 11.76 -5.21
C ASP B 36 23.82 12.33 -4.84
N SER B 37 22.83 12.13 -5.69
CA SER B 37 21.47 12.55 -5.39
C SER B 37 20.46 11.58 -5.97
N ALA B 38 19.25 11.64 -5.45
CA ALA B 38 18.18 10.75 -5.87
C ALA B 38 16.83 11.36 -5.53
N GLY B 39 15.78 10.82 -6.13
CA GLY B 39 14.43 11.28 -5.86
C GLY B 39 13.59 10.18 -5.24
N THR B 40 12.51 10.58 -4.57
CA THR B 40 11.60 9.62 -3.96
C THR B 40 10.67 8.99 -5.00
N ILE B 41 10.51 9.67 -6.14
CA ILE B 41 9.76 9.12 -7.27
C ILE B 41 10.66 9.02 -8.49
N GLY B 42 10.21 8.27 -9.49
CA GLY B 42 10.98 8.05 -10.71
C GLY B 42 10.35 8.66 -11.94
N TYR B 43 9.48 9.64 -11.75
CA TYR B 43 8.79 10.31 -12.86
C TYR B 43 9.75 10.94 -13.87
N HIS B 44 10.85 11.51 -13.37
CA HIS B 44 11.84 12.16 -14.22
C HIS B 44 13.05 11.26 -14.53
N GLN B 45 12.93 9.97 -14.20
CA GLN B 45 14.03 9.01 -14.33
C GLN B 45 14.80 9.14 -15.65
N GLY B 46 16.12 9.28 -15.54
CA GLY B 46 17.00 9.31 -16.71
C GLY B 46 17.20 10.69 -17.32
N ASN B 47 16.52 11.70 -16.79
CA ASN B 47 16.59 13.05 -17.34
C ASN B 47 17.61 13.93 -16.62
N PRO B 48 18.23 14.85 -17.36
CA PRO B 48 19.17 15.79 -16.73
C PRO B 48 18.43 16.75 -15.82
N PRO B 49 19.16 17.49 -14.98
CA PRO B 49 18.51 18.44 -14.08
C PRO B 49 17.67 19.46 -14.84
N ASP B 50 16.68 20.03 -14.16
CA ASP B 50 15.82 21.05 -14.73
C ASP B 50 16.68 22.14 -15.39
N ALA B 51 16.29 22.56 -16.59
CA ALA B 51 17.08 23.52 -17.36
C ALA B 51 17.25 24.88 -16.66
N ARG B 52 16.27 25.27 -15.87
CA ARG B 52 16.36 26.51 -15.10
C ARG B 52 17.29 26.35 -13.91
N SER B 53 17.27 25.16 -13.30
CA SER B 53 18.17 24.84 -12.19
C SER B 53 19.62 24.82 -12.62
N LYS B 54 19.90 24.18 -13.76
CA LYS B 54 21.26 24.14 -14.29
C LYS B 54 21.76 25.55 -14.59
N ALA B 55 20.92 26.33 -15.28
CA ALA B 55 21.32 27.67 -15.71
C ALA B 55 21.62 28.56 -14.50
N ALA B 56 20.76 28.53 -13.49
CA ALA B 56 20.96 29.34 -12.29
C ALA B 56 22.22 28.93 -11.52
N GLY B 57 22.46 27.63 -11.43
CA GLY B 57 23.64 27.12 -10.74
C GLY B 57 24.91 27.40 -11.54
N GLU B 58 24.83 27.28 -12.86
CA GLU B 58 25.98 27.56 -13.73
C GLU B 58 26.39 29.03 -13.67
N LYS B 59 25.43 29.91 -13.44
CA LYS B 59 25.71 31.32 -13.17
C LYS B 59 26.71 31.50 -12.02
N ARG B 60 26.61 30.65 -11.01
CA ARG B 60 27.44 30.75 -9.82
C ARG B 60 28.69 29.87 -9.90
N GLY B 61 28.90 29.24 -11.04
CA GLY B 61 30.11 28.46 -11.31
C GLY B 61 30.03 26.98 -11.02
N TYR B 62 28.83 26.48 -10.71
CA TYR B 62 28.65 25.07 -10.38
C TYR B 62 28.40 24.22 -11.63
N SER B 63 28.94 23.00 -11.61
CA SER B 63 28.80 22.07 -12.74
C SER B 63 27.78 20.99 -12.43
N PHE B 64 26.88 20.73 -13.37
CA PHE B 64 25.87 19.69 -13.23
C PHE B 64 26.21 18.46 -14.07
N SER B 65 27.47 18.36 -14.50
CA SER B 65 27.94 17.22 -15.26
C SER B 65 27.71 15.93 -14.48
N GLY B 66 27.20 14.92 -15.18
CA GLY B 66 27.03 13.59 -14.60
C GLY B 66 25.78 13.37 -13.75
N ILE B 67 24.93 14.39 -13.65
CA ILE B 67 23.71 14.27 -12.85
C ILE B 67 22.53 13.88 -13.73
N LYS B 68 22.00 12.68 -13.51
CA LYS B 68 20.80 12.21 -14.17
C LYS B 68 19.79 11.76 -13.12
N ALA B 69 18.53 12.14 -13.31
CA ALA B 69 17.48 11.82 -12.35
C ALA B 69 17.31 10.31 -12.20
N ARG B 70 17.17 9.87 -10.95
CA ARG B 70 16.92 8.45 -10.67
C ARG B 70 16.26 8.31 -9.31
N LYS B 71 15.41 7.30 -9.16
CA LYS B 71 14.71 7.08 -7.91
C LYS B 71 15.60 6.39 -6.89
N ILE B 72 15.42 6.76 -5.62
CA ILE B 72 16.09 6.10 -4.50
C ILE B 72 15.92 4.58 -4.61
N ARG B 73 16.89 3.83 -4.12
CA ARG B 73 16.80 2.38 -4.09
C ARG B 73 17.28 1.86 -2.73
N ASP B 74 16.94 0.61 -2.42
CA ASP B 74 17.28 0.03 -1.12
C ASP B 74 18.78 0.09 -0.82
N GLU B 75 19.61 -0.12 -1.83
CA GLU B 75 21.06 -0.10 -1.67
C GLU B 75 21.58 1.22 -1.10
N ASP B 76 20.89 2.32 -1.40
CA ASP B 76 21.33 3.65 -1.00
C ASP B 76 21.44 3.82 0.51
N PHE B 77 20.56 3.13 1.24
CA PHE B 77 20.53 3.24 2.70
C PHE B 77 21.72 2.54 3.33
N VAL B 78 22.28 1.57 2.61
CA VAL B 78 23.48 0.85 3.02
C VAL B 78 24.73 1.60 2.57
N LYS B 79 24.76 1.98 1.29
CA LYS B 79 25.94 2.58 0.67
C LYS B 79 26.39 3.89 1.31
N PHE B 80 25.44 4.79 1.55
CA PHE B 80 25.78 6.15 1.97
C PHE B 80 25.90 6.31 3.49
N ASP B 81 26.71 7.27 3.90
CA ASP B 81 26.93 7.59 5.32
C ASP B 81 25.98 8.67 5.81
N TRP B 82 25.64 9.58 4.90
CA TRP B 82 24.70 10.66 5.19
C TRP B 82 23.64 10.68 4.10
N ILE B 83 22.37 10.75 4.51
CA ILE B 83 21.27 10.91 3.56
C ILE B 83 20.46 12.13 3.97
N LEU B 84 20.57 13.19 3.15
CA LEU B 84 20.01 14.49 3.46
C LEU B 84 18.76 14.76 2.63
N ALA B 85 17.64 15.05 3.30
CA ALA B 85 16.38 15.30 2.62
C ALA B 85 16.15 16.79 2.41
N ALA B 86 15.55 17.14 1.27
CA ALA B 86 15.26 18.55 0.97
C ALA B 86 14.12 19.08 1.85
N ASP B 87 13.04 18.30 1.97
CA ASP B 87 11.92 18.71 2.82
C ASP B 87 11.36 17.54 3.66
N GLN B 88 10.37 17.83 4.49
CA GLN B 88 9.85 16.85 5.43
C GLN B 88 9.09 15.69 4.78
N GLU B 89 8.53 15.91 3.60
CA GLU B 89 7.85 14.84 2.88
C GLU B 89 8.87 13.87 2.32
N ASN B 90 9.98 14.39 1.81
CA ASN B 90 11.09 13.55 1.37
C ASN B 90 11.60 12.70 2.52
N LEU B 91 11.82 13.34 3.67
CA LEU B 91 12.33 12.65 4.84
C LEU B 91 11.35 11.60 5.34
N ALA B 92 10.06 11.91 5.30
CA ALA B 92 9.02 10.93 5.65
C ALA B 92 9.10 9.71 4.73
N GLU B 93 9.29 9.95 3.44
CA GLU B 93 9.46 8.84 2.49
C GLU B 93 10.70 8.02 2.82
N LEU B 94 11.80 8.70 3.14
CA LEU B 94 13.04 8.03 3.49
C LEU B 94 12.90 7.19 4.75
N LYS B 95 12.21 7.73 5.75
CA LYS B 95 11.99 7.01 7.01
C LYS B 95 11.19 5.71 6.81
N ALA B 96 10.22 5.75 5.91
CA ALA B 96 9.41 4.56 5.62
C ALA B 96 10.21 3.45 4.93
N ARG B 97 11.15 3.83 4.06
CA ARG B 97 11.89 2.86 3.24
C ARG B 97 13.20 2.39 3.88
N CYS B 98 13.82 3.24 4.69
CA CYS B 98 15.12 2.96 5.29
C CYS B 98 15.05 1.89 6.37
N PRO B 99 15.98 0.91 6.37
CA PRO B 99 16.01 -0.09 7.44
C PRO B 99 16.27 0.55 8.80
N GLN B 100 15.79 -0.09 9.85
CA GLN B 100 15.91 0.46 11.21
C GLN B 100 17.34 0.84 11.56
N SER B 101 18.28 -0.03 11.20
CA SER B 101 19.68 0.15 11.59
C SER B 101 20.36 1.34 10.92
N HIS B 102 19.81 1.81 9.80
CA HIS B 102 20.40 2.93 9.07
C HIS B 102 19.62 4.23 9.23
N GLN B 103 18.58 4.21 10.06
CA GLN B 103 17.75 5.40 10.32
C GLN B 103 18.57 6.58 10.82
N HIS B 104 19.67 6.30 11.52
CA HIS B 104 20.55 7.34 12.04
C HIS B 104 21.18 8.18 10.92
N LYS B 105 21.18 7.66 9.70
CA LYS B 105 21.77 8.33 8.54
C LYS B 105 20.88 9.41 7.94
N LEU B 106 19.62 9.47 8.38
CA LEU B 106 18.62 10.35 7.76
C LEU B 106 18.48 11.68 8.50
N SER B 107 18.47 12.77 7.73
CA SER B 107 18.20 14.11 8.29
C SER B 107 17.80 15.07 7.19
N LEU B 108 17.20 16.20 7.57
CA LEU B 108 16.92 17.28 6.63
C LEU B 108 18.23 17.98 6.32
N MET B 109 18.43 18.36 5.06
CA MET B 109 19.67 19.04 4.69
C MET B 109 19.86 20.34 5.49
N LEU B 110 18.78 21.10 5.67
CA LEU B 110 18.89 22.39 6.35
C LEU B 110 18.92 22.27 7.88
N SER B 111 18.85 21.05 8.41
CA SER B 111 19.09 20.84 9.86
C SER B 111 20.56 21.04 10.20
N HIS B 112 21.41 21.14 9.16
CA HIS B 112 22.83 21.36 9.33
C HIS B 112 23.20 22.81 9.04
N SER B 113 22.20 23.68 8.98
CA SER B 113 22.42 25.10 8.75
C SER B 113 21.62 25.93 9.75
N ASP B 114 22.14 27.12 10.07
CA ASP B 114 21.47 28.03 10.99
C ASP B 114 20.42 28.89 10.26
N SER B 115 19.84 28.32 9.21
CA SER B 115 18.89 29.04 8.37
C SER B 115 17.53 29.18 9.03
N GLU B 116 16.81 30.24 8.66
CA GLU B 116 15.41 30.41 9.05
C GLU B 116 14.53 29.39 8.33
N TYR B 117 15.11 28.71 7.34
CA TYR B 117 14.43 27.66 6.60
C TYR B 117 14.76 26.30 7.20
N GLN B 118 13.74 25.47 7.36
CA GLN B 118 13.90 24.09 7.78
C GLN B 118 13.88 23.18 6.54
N GLU B 119 13.15 23.60 5.52
CA GLU B 119 13.00 22.83 4.29
C GLU B 119 13.40 23.65 3.08
N ILE B 120 13.72 22.98 1.98
CA ILE B 120 14.03 23.66 0.73
C ILE B 120 12.78 23.67 -0.14
N PRO B 121 12.26 24.87 -0.44
CA PRO B 121 11.04 24.91 -1.25
C PRO B 121 11.27 24.42 -2.68
N ASP B 122 10.29 23.69 -3.20
CA ASP B 122 10.30 23.18 -4.56
C ASP B 122 10.09 24.34 -5.54
N PRO B 123 11.08 24.62 -6.40
CA PRO B 123 11.00 25.76 -7.30
C PRO B 123 10.25 25.48 -8.60
N TYR B 124 9.90 24.20 -8.82
CA TYR B 124 9.53 23.75 -10.16
C TYR B 124 8.39 24.52 -10.83
N TYR B 125 7.34 24.83 -10.08
CA TYR B 125 6.16 25.50 -10.65
C TYR B 125 6.18 27.02 -10.44
N GLY B 126 7.33 27.56 -10.05
CA GLY B 126 7.45 28.98 -9.76
C GLY B 126 8.37 29.71 -10.71
N GLY B 127 8.72 30.94 -10.35
CA GLY B 127 9.56 31.81 -11.18
C GLY B 127 11.03 31.76 -10.81
N GLU B 128 11.77 32.76 -11.26
CA GLU B 128 13.22 32.82 -11.08
C GLU B 128 13.64 32.90 -9.62
N ARG B 129 12.93 33.71 -8.84
CA ARG B 129 13.25 33.91 -7.42
C ARG B 129 13.38 32.60 -6.64
N GLY B 130 12.55 31.61 -6.96
CA GLY B 130 12.59 30.33 -6.27
C GLY B 130 13.82 29.50 -6.59
N PHE B 131 14.34 29.67 -7.81
CA PHE B 131 15.58 28.99 -8.21
C PHE B 131 16.80 29.62 -7.55
N GLU B 132 16.78 30.94 -7.43
CA GLU B 132 17.83 31.64 -6.69
C GLU B 132 17.79 31.27 -5.21
N LEU B 133 16.59 31.07 -4.67
CA LEU B 133 16.42 30.69 -3.27
C LEU B 133 17.03 29.32 -2.98
N VAL B 134 16.76 28.34 -3.84
CA VAL B 134 17.33 27.01 -3.66
C VAL B 134 18.85 27.09 -3.59
N LEU B 135 19.44 27.88 -4.48
CA LEU B 135 20.89 28.06 -4.48
C LEU B 135 21.38 28.73 -3.21
N ASP B 136 20.70 29.79 -2.80
CA ASP B 136 21.07 30.51 -1.57
C ASP B 136 21.08 29.58 -0.35
N LEU B 137 20.02 28.81 -0.19
CA LEU B 137 19.89 27.86 0.92
C LEU B 137 20.92 26.74 0.84
N VAL B 138 21.08 26.18 -0.36
CA VAL B 138 22.02 25.08 -0.59
C VAL B 138 23.48 25.49 -0.37
N GLU B 139 23.85 26.69 -0.81
CA GLU B 139 25.21 27.17 -0.61
C GLU B 139 25.56 27.30 0.86
N ASP B 140 24.64 27.86 1.64
CA ASP B 140 24.89 28.06 3.07
C ASP B 140 24.91 26.73 3.82
N ALA B 141 24.00 25.83 3.47
CA ALA B 141 23.95 24.51 4.10
C ALA B 141 25.16 23.65 3.73
N ALA B 142 25.57 23.73 2.46
CA ALA B 142 26.78 23.05 2.01
C ALA B 142 28.01 23.47 2.82
N GLU B 143 28.21 24.78 2.96
CA GLU B 143 29.36 25.30 3.71
C GLU B 143 29.41 24.80 5.15
N GLN B 144 28.27 24.89 5.84
CA GLN B 144 28.19 24.50 7.25
C GLN B 144 28.30 22.99 7.42
N PHE B 145 27.64 22.24 6.55
CA PHE B 145 27.69 20.77 6.59
C PHE B 145 29.10 20.25 6.35
N LEU B 146 29.76 20.75 5.31
CA LEU B 146 31.11 20.32 4.98
C LEU B 146 32.10 20.70 6.08
N LEU B 147 31.88 21.85 6.71
CA LEU B 147 32.73 22.28 7.82
C LEU B 147 32.62 21.28 8.98
N LYS B 148 31.40 20.78 9.20
CA LYS B 148 31.17 19.78 10.25
C LYS B 148 31.82 18.44 9.91
N LEU B 149 31.75 18.01 8.65
CA LEU B 149 32.44 16.80 8.22
C LEU B 149 33.94 16.91 8.46
N LYS B 150 34.50 18.06 8.10
CA LYS B 150 35.91 18.33 8.34
C LYS B 150 36.22 18.37 9.84
N MET C 1 -18.78 -22.95 -23.13
CA MET C 1 -19.99 -22.07 -22.99
C MET C 1 -19.84 -21.10 -21.82
N GLN C 2 -19.17 -21.55 -20.76
CA GLN C 2 -18.90 -20.70 -19.61
C GLN C 2 -17.62 -21.13 -18.90
N LYS C 3 -16.93 -20.15 -18.32
CA LYS C 3 -15.73 -20.41 -17.54
C LYS C 3 -15.95 -19.93 -16.12
N VAL C 4 -15.74 -20.82 -15.16
CA VAL C 4 -15.92 -20.48 -13.75
C VAL C 4 -14.60 -20.59 -13.00
N LEU C 5 -14.32 -19.59 -12.19
CA LEU C 5 -13.14 -19.60 -11.33
C LEU C 5 -13.60 -19.50 -9.88
N VAL C 6 -13.16 -20.45 -9.06
CA VAL C 6 -13.45 -20.40 -7.63
C VAL C 6 -12.19 -19.96 -6.87
N VAL C 7 -12.36 -19.04 -5.93
CA VAL C 7 -11.22 -18.45 -5.23
C VAL C 7 -11.40 -18.55 -3.72
N CYS C 8 -10.36 -19.01 -3.04
CA CYS C 8 -10.29 -18.90 -1.59
C CYS C 8 -8.99 -18.19 -1.24
N MET C 9 -8.54 -18.26 0.01
CA MET C 9 -7.33 -17.54 0.39
C MET C 9 -6.08 -18.23 -0.17
N GLY C 10 -5.88 -19.48 0.22
CA GLY C 10 -4.63 -20.19 -0.08
C GLY C 10 -4.70 -21.13 -1.25
N ASN C 11 -5.91 -21.44 -1.73
CA ASN C 11 -6.10 -22.35 -2.85
C ASN C 11 -5.52 -23.74 -2.55
N ILE C 12 -5.58 -24.16 -1.28
CA ILE C 12 -5.23 -25.53 -0.91
C ILE C 12 -6.35 -26.34 -0.26
N CYS C 13 -7.36 -25.67 0.31
CA CYS C 13 -8.45 -26.39 0.98
C CYS C 13 -9.81 -26.21 0.32
N ARG C 14 -10.31 -24.97 0.31
CA ARG C 14 -11.69 -24.71 -0.12
C ARG C 14 -11.88 -24.65 -1.64
N SER C 15 -11.15 -23.77 -2.30
CA SER C 15 -11.33 -23.62 -3.75
C SER C 15 -10.90 -24.83 -4.59
N PRO C 16 -9.87 -25.59 -4.13
CA PRO C 16 -9.58 -26.85 -4.84
C PRO C 16 -10.72 -27.86 -4.75
N THR C 17 -11.41 -27.89 -3.61
CA THR C 17 -12.56 -28.77 -3.43
C THR C 17 -13.69 -28.33 -4.34
N ALA C 18 -14.01 -27.05 -4.31
CA ALA C 18 -15.01 -26.49 -5.21
C ALA C 18 -14.69 -26.83 -6.67
N GLU C 19 -13.41 -26.77 -7.03
CA GLU C 19 -13.00 -27.08 -8.40
C GLU C 19 -13.27 -28.54 -8.76
N ALA C 20 -12.85 -29.45 -7.90
CA ALA C 20 -13.03 -30.88 -8.13
C ALA C 20 -14.52 -31.24 -8.19
N VAL C 21 -15.31 -30.65 -7.30
CA VAL C 21 -16.73 -30.97 -7.23
C VAL C 21 -17.47 -30.37 -8.43
N LEU C 22 -17.20 -29.10 -8.74
CA LEU C 22 -17.81 -28.46 -9.90
C LEU C 22 -17.50 -29.20 -11.21
N ARG C 23 -16.26 -29.67 -11.36
CA ARG C 23 -15.86 -30.40 -12.57
C ARG C 23 -16.65 -31.71 -12.71
N ALA C 24 -16.79 -32.44 -11.61
CA ALA C 24 -17.55 -33.70 -11.61
C ALA C 24 -19.04 -33.45 -11.87
N LYS C 25 -19.60 -32.46 -11.18
CA LYS C 25 -21.01 -32.10 -11.34
C LYS C 25 -21.31 -31.65 -12.76
N ALA C 26 -20.43 -30.81 -13.31
CA ALA C 26 -20.58 -30.30 -14.67
C ALA C 26 -20.70 -31.44 -15.67
N ALA C 27 -19.89 -32.48 -15.45
CA ALA C 27 -19.88 -33.65 -16.32
C ALA C 27 -21.18 -34.45 -16.26
N GLN C 28 -21.67 -34.72 -15.05
CA GLN C 28 -22.89 -35.51 -14.87
C GLN C 28 -24.13 -34.75 -15.33
N LEU C 29 -24.08 -33.43 -15.17
CA LEU C 29 -25.19 -32.54 -15.56
C LEU C 29 -25.12 -32.13 -17.02
N LYS C 30 -24.04 -32.53 -17.71
CA LYS C 30 -23.83 -32.22 -19.12
C LYS C 30 -23.99 -30.73 -19.41
N VAL C 31 -23.48 -29.91 -18.49
CA VAL C 31 -23.42 -28.47 -18.65
C VAL C 31 -22.00 -28.09 -19.03
N ASP C 32 -21.83 -27.45 -20.18
CA ASP C 32 -20.50 -27.23 -20.75
C ASP C 32 -19.78 -26.05 -20.09
N VAL C 33 -19.13 -26.33 -18.96
CA VAL C 33 -18.39 -25.31 -18.24
C VAL C 33 -16.95 -25.74 -17.97
N GLU C 34 -16.04 -24.77 -18.01
CA GLU C 34 -14.63 -24.99 -17.67
C GLU C 34 -14.37 -24.40 -16.29
N VAL C 35 -13.82 -25.20 -15.38
CA VAL C 35 -13.59 -24.76 -14.01
C VAL C 35 -12.10 -24.65 -13.68
N ASP C 36 -11.77 -23.70 -12.81
CA ASP C 36 -10.41 -23.48 -12.35
C ASP C 36 -10.51 -22.93 -10.93
N SER C 37 -9.40 -22.94 -10.20
CA SER C 37 -9.35 -22.29 -8.89
C SER C 37 -8.08 -21.47 -8.71
N ALA C 38 -8.12 -20.51 -7.80
CA ALA C 38 -6.95 -19.73 -7.44
C ALA C 38 -7.09 -19.17 -6.03
N GLY C 39 -5.99 -18.65 -5.49
CA GLY C 39 -5.99 -18.08 -4.14
C GLY C 39 -5.69 -16.60 -4.19
N THR C 40 -6.12 -15.87 -3.18
CA THR C 40 -5.81 -14.44 -3.08
C THR C 40 -4.33 -14.22 -2.76
N ILE C 41 -3.72 -15.18 -2.05
CA ILE C 41 -2.29 -15.15 -1.75
C ILE C 41 -1.56 -16.29 -2.43
N GLY C 42 -0.24 -16.14 -2.57
CA GLY C 42 0.59 -17.14 -3.23
C GLY C 42 1.46 -17.95 -2.28
N TYR C 43 1.12 -17.93 -1.00
CA TYR C 43 1.89 -18.65 0.03
C TYR C 43 2.01 -20.15 -0.29
N HIS C 44 0.95 -20.73 -0.83
CA HIS C 44 0.93 -22.17 -1.14
C HIS C 44 1.24 -22.49 -2.61
N GLN C 45 1.67 -21.48 -3.38
CA GLN C 45 1.93 -21.63 -4.81
C GLN C 45 2.60 -22.96 -5.18
N GLY C 46 2.05 -23.65 -6.17
CA GLY C 46 2.65 -24.88 -6.67
C GLY C 46 2.37 -26.13 -5.85
N ASN C 47 1.71 -25.98 -4.71
CA ASN C 47 1.42 -27.12 -3.84
C ASN C 47 0.11 -27.80 -4.22
N PRO C 48 0.05 -29.13 -4.09
CA PRO C 48 -1.22 -29.83 -4.30
C PRO C 48 -2.18 -29.50 -3.17
N PRO C 49 -3.48 -29.84 -3.31
CA PRO C 49 -4.41 -29.54 -2.23
C PRO C 49 -4.01 -30.18 -0.90
N ASP C 50 -4.47 -29.58 0.19
CA ASP C 50 -4.24 -30.08 1.54
C ASP C 50 -4.57 -31.58 1.60
N ALA C 51 -3.70 -32.36 2.24
CA ALA C 51 -3.87 -33.81 2.28
C ALA C 51 -5.16 -34.23 2.98
N ARG C 52 -5.62 -33.42 3.92
CA ARG C 52 -6.89 -33.68 4.63
C ARG C 52 -8.09 -33.37 3.73
N SER C 53 -8.00 -32.27 2.98
CA SER C 53 -9.05 -31.93 2.02
C SER C 53 -9.14 -33.03 0.96
N LYS C 54 -7.99 -33.43 0.45
CA LYS C 54 -7.92 -34.47 -0.57
C LYS C 54 -8.51 -35.78 -0.06
N ALA C 55 -8.11 -36.19 1.14
CA ALA C 55 -8.64 -37.42 1.75
C ALA C 55 -10.16 -37.36 1.90
N ALA C 56 -10.66 -36.28 2.48
CA ALA C 56 -12.09 -36.11 2.71
C ALA C 56 -12.91 -36.17 1.42
N GLY C 57 -12.40 -35.54 0.36
CA GLY C 57 -13.11 -35.49 -0.92
C GLY C 57 -13.11 -36.83 -1.63
N GLU C 58 -12.01 -37.57 -1.52
CA GLU C 58 -11.90 -38.91 -2.10
C GLU C 58 -12.85 -39.88 -1.41
N LYS C 59 -13.06 -39.68 -0.11
CA LYS C 59 -14.07 -40.39 0.66
C LYS C 59 -15.42 -40.43 -0.06
N ARG C 60 -15.69 -39.40 -0.86
CA ARG C 60 -16.96 -39.27 -1.59
C ARG C 60 -16.83 -39.51 -3.09
N GLY C 61 -15.66 -39.92 -3.54
CA GLY C 61 -15.42 -40.24 -4.95
C GLY C 61 -14.94 -39.09 -5.81
N TYR C 62 -14.44 -38.02 -5.19
CA TYR C 62 -13.85 -36.90 -5.93
C TYR C 62 -12.35 -37.05 -6.02
N SER C 63 -11.78 -36.60 -7.13
CA SER C 63 -10.33 -36.65 -7.33
C SER C 63 -9.76 -35.24 -7.42
N PHE C 64 -8.51 -35.10 -6.98
CA PHE C 64 -7.85 -33.80 -6.90
C PHE C 64 -6.62 -33.73 -7.80
N SER C 65 -6.50 -34.67 -8.72
CA SER C 65 -5.36 -34.72 -9.63
C SER C 65 -5.36 -33.52 -10.55
N GLY C 66 -4.17 -32.94 -10.76
CA GLY C 66 -4.02 -31.81 -11.67
C GLY C 66 -4.21 -30.46 -11.03
N ILE C 67 -4.64 -30.45 -9.76
CA ILE C 67 -4.83 -29.19 -9.05
C ILE C 67 -3.56 -28.85 -8.27
N LYS C 68 -3.01 -27.67 -8.55
CA LYS C 68 -1.86 -27.14 -7.83
C LYS C 68 -2.19 -25.70 -7.44
N ALA C 69 -1.79 -25.29 -6.24
CA ALA C 69 -2.13 -23.97 -5.74
C ALA C 69 -1.51 -22.87 -6.60
N ARG C 70 -2.26 -21.80 -6.83
CA ARG C 70 -1.73 -20.64 -7.54
C ARG C 70 -2.47 -19.36 -7.16
N LYS C 71 -1.76 -18.24 -7.28
CA LYS C 71 -2.30 -16.93 -6.93
C LYS C 71 -3.12 -16.37 -8.08
N ILE C 72 -4.21 -15.69 -7.72
CA ILE C 72 -5.06 -14.98 -8.66
C ILE C 72 -4.21 -13.98 -9.45
N ARG C 73 -4.55 -13.79 -10.72
CA ARG C 73 -3.78 -12.91 -11.59
C ARG C 73 -4.71 -11.91 -12.26
N ASP C 74 -4.16 -10.77 -12.65
CA ASP C 74 -4.96 -9.72 -13.32
C ASP C 74 -5.72 -10.28 -14.51
N GLU C 75 -5.09 -11.22 -15.21
CA GLU C 75 -5.68 -11.88 -16.38
C GLU C 75 -7.00 -12.62 -16.11
N ASP C 76 -7.15 -13.14 -14.89
CA ASP C 76 -8.32 -13.97 -14.55
C ASP C 76 -9.63 -13.20 -14.61
N PHE C 77 -9.58 -11.89 -14.38
CA PHE C 77 -10.80 -11.08 -14.33
C PHE C 77 -11.43 -10.87 -15.70
N VAL C 78 -10.62 -10.96 -16.74
CA VAL C 78 -11.12 -10.86 -18.11
C VAL C 78 -11.61 -12.23 -18.57
N LYS C 79 -10.77 -13.24 -18.36
CA LYS C 79 -10.96 -14.58 -18.92
C LYS C 79 -12.26 -15.27 -18.50
N PHE C 80 -12.61 -15.17 -17.22
CA PHE C 80 -13.73 -15.94 -16.68
C PHE C 80 -15.05 -15.19 -16.73
N ASP C 81 -16.15 -15.95 -16.75
CA ASP C 81 -17.50 -15.37 -16.74
C ASP C 81 -18.06 -15.33 -15.33
N TRP C 82 -17.65 -16.30 -14.52
CA TRP C 82 -18.09 -16.39 -13.14
C TRP C 82 -16.87 -16.57 -12.23
N ILE C 83 -16.70 -15.64 -11.30
CA ILE C 83 -15.65 -15.77 -10.28
C ILE C 83 -16.34 -15.89 -8.92
N LEU C 84 -16.19 -17.06 -8.31
CA LEU C 84 -16.89 -17.36 -7.06
C LEU C 84 -15.90 -17.39 -5.90
N ALA C 85 -16.19 -16.59 -4.88
CA ALA C 85 -15.33 -16.49 -3.70
C ALA C 85 -15.85 -17.37 -2.57
N ALA C 86 -14.94 -17.96 -1.80
CA ALA C 86 -15.31 -18.85 -0.70
C ALA C 86 -15.97 -18.07 0.45
N ASP C 87 -15.38 -16.94 0.83
CA ASP C 87 -15.93 -16.13 1.92
C ASP C 87 -15.87 -14.62 1.62
N GLN C 88 -16.37 -13.82 2.55
CA GLN C 88 -16.50 -12.37 2.36
C GLN C 88 -15.15 -11.65 2.19
N GLU C 89 -14.15 -12.10 2.94
CA GLU C 89 -12.84 -11.48 2.87
C GLU C 89 -12.19 -11.77 1.52
N ASN C 90 -12.35 -12.98 1.00
CA ASN C 90 -11.87 -13.32 -0.34
C ASN C 90 -12.54 -12.44 -1.38
N LEU C 91 -13.85 -12.28 -1.26
CA LEU C 91 -14.63 -11.48 -2.21
C LEU C 91 -14.19 -10.02 -2.18
N ALA C 92 -14.01 -9.49 -0.98
CA ALA C 92 -13.56 -8.11 -0.80
C ALA C 92 -12.19 -7.91 -1.42
N GLU C 93 -11.33 -8.92 -1.27
CA GLU C 93 -9.99 -8.91 -1.86
C GLU C 93 -10.09 -8.89 -3.38
N LEU C 94 -10.99 -9.71 -3.93
CA LEU C 94 -11.23 -9.75 -5.37
C LEU C 94 -11.77 -8.42 -5.91
N LYS C 95 -12.70 -7.82 -5.18
CA LYS C 95 -13.31 -6.56 -5.59
C LYS C 95 -12.29 -5.42 -5.62
N ALA C 96 -11.25 -5.53 -4.80
CA ALA C 96 -10.20 -4.51 -4.75
C ALA C 96 -9.26 -4.59 -5.96
N ARG C 97 -9.03 -5.80 -6.46
CA ARG C 97 -8.10 -6.01 -7.57
C ARG C 97 -8.79 -6.08 -8.94
N CYS C 98 -10.08 -6.43 -8.94
CA CYS C 98 -10.84 -6.56 -10.17
C CYS C 98 -11.02 -5.21 -10.86
N PRO C 99 -10.91 -5.17 -12.20
CA PRO C 99 -11.23 -3.94 -12.93
C PRO C 99 -12.71 -3.58 -12.80
N GLN C 100 -13.01 -2.29 -12.90
CA GLN C 100 -14.39 -1.81 -12.84
C GLN C 100 -15.33 -2.57 -13.77
N SER C 101 -14.85 -2.82 -14.99
CA SER C 101 -15.69 -3.40 -16.05
C SER C 101 -16.05 -4.88 -15.83
N HIS C 102 -15.37 -5.55 -14.91
CA HIS C 102 -15.59 -6.98 -14.68
C HIS C 102 -16.13 -7.29 -13.28
N GLN C 103 -16.46 -6.25 -12.51
CA GLN C 103 -16.98 -6.43 -11.16
C GLN C 103 -18.26 -7.26 -11.13
N HIS C 104 -19.00 -7.24 -12.23
CA HIS C 104 -20.24 -8.02 -12.35
C HIS C 104 -20.04 -9.53 -12.25
N LYS C 105 -18.81 -9.99 -12.42
CA LYS C 105 -18.49 -11.41 -12.41
C LYS C 105 -18.31 -11.98 -11.00
N LEU C 106 -17.99 -11.11 -10.05
CA LEU C 106 -17.64 -11.55 -8.70
C LEU C 106 -18.86 -11.80 -7.83
N SER C 107 -18.85 -12.92 -7.12
CA SER C 107 -19.90 -13.25 -6.15
C SER C 107 -19.42 -14.29 -5.15
N LEU C 108 -20.17 -14.47 -4.07
CA LEU C 108 -19.92 -15.56 -3.12
C LEU C 108 -20.51 -16.85 -3.67
N MET C 109 -19.76 -17.95 -3.56
CA MET C 109 -20.22 -19.23 -4.10
C MET C 109 -21.55 -19.67 -3.53
N LEU C 110 -21.74 -19.48 -2.22
CA LEU C 110 -22.96 -19.96 -1.55
C LEU C 110 -24.20 -19.09 -1.77
N SER C 111 -24.02 -17.90 -2.34
N SER C 111 -24.02 -17.90 -2.35
CA SER C 111 -25.16 -17.03 -2.69
CA SER C 111 -25.14 -17.03 -2.72
C SER C 111 -25.95 -17.57 -3.88
C SER C 111 -25.96 -17.58 -3.88
N HIS C 112 -25.50 -18.70 -4.44
CA HIS C 112 -26.21 -19.36 -5.53
C HIS C 112 -26.95 -20.57 -5.02
N SER C 113 -26.86 -20.82 -3.72
CA SER C 113 -27.54 -21.93 -3.09
C SER C 113 -28.62 -21.42 -2.14
N ASP C 114 -29.72 -22.16 -2.09
CA ASP C 114 -30.79 -21.90 -1.13
C ASP C 114 -30.30 -22.12 0.30
N SER C 115 -29.00 -22.40 0.44
CA SER C 115 -28.39 -22.67 1.73
C SER C 115 -28.56 -21.53 2.73
N GLU C 116 -28.57 -21.89 4.01
CA GLU C 116 -28.59 -20.90 5.08
C GLU C 116 -27.20 -20.30 5.31
N TYR C 117 -26.18 -20.87 4.65
CA TYR C 117 -24.80 -20.40 4.73
C TYR C 117 -24.47 -19.43 3.61
N GLN C 118 -23.60 -18.46 3.92
CA GLN C 118 -23.11 -17.51 2.91
C GLN C 118 -21.62 -17.64 2.67
N GLU C 119 -20.89 -18.14 3.66
CA GLU C 119 -19.43 -18.29 3.58
C GLU C 119 -19.02 -19.73 3.80
N ILE C 120 -17.96 -20.14 3.12
CA ILE C 120 -17.34 -21.45 3.34
C ILE C 120 -16.20 -21.27 4.33
N PRO C 121 -16.36 -21.76 5.58
CA PRO C 121 -15.32 -21.56 6.57
C PRO C 121 -14.01 -22.28 6.24
N ASP C 122 -12.89 -21.63 6.56
CA ASP C 122 -11.57 -22.18 6.34
C ASP C 122 -11.32 -23.32 7.33
N PRO C 123 -11.10 -24.55 6.82
CA PRO C 123 -10.90 -25.70 7.70
C PRO C 123 -9.46 -25.88 8.15
N TYR C 124 -8.54 -25.06 7.64
CA TYR C 124 -7.12 -25.35 7.77
C TYR C 124 -6.64 -25.62 9.20
N TYR C 125 -7.07 -24.79 10.15
CA TYR C 125 -6.59 -24.88 11.52
C TYR C 125 -7.55 -25.66 12.42
N GLY C 126 -8.54 -26.31 11.82
CA GLY C 126 -9.55 -27.04 12.56
C GLY C 126 -9.41 -28.54 12.44
N GLY C 127 -10.47 -29.25 12.86
CA GLY C 127 -10.48 -30.70 12.88
C GLY C 127 -11.18 -31.29 11.68
N GLU C 128 -11.50 -32.57 11.75
CA GLU C 128 -12.15 -33.30 10.65
C GLU C 128 -13.52 -32.70 10.29
N ARG C 129 -14.24 -32.20 11.28
CA ARG C 129 -15.59 -31.66 11.03
C ARG C 129 -15.57 -30.50 10.04
N GLY C 130 -14.53 -29.67 10.10
CA GLY C 130 -14.41 -28.53 9.19
C GLY C 130 -14.22 -28.96 7.75
N PHE C 131 -13.57 -30.10 7.54
CA PHE C 131 -13.35 -30.63 6.19
C PHE C 131 -14.62 -31.23 5.61
N GLU C 132 -15.36 -31.96 6.44
CA GLU C 132 -16.66 -32.48 6.02
C GLU C 132 -17.62 -31.34 5.70
N LEU C 133 -17.56 -30.26 6.49
CA LEU C 133 -18.39 -29.09 6.27
C LEU C 133 -18.10 -28.43 4.93
N VAL C 134 -16.82 -28.26 4.60
CA VAL C 134 -16.45 -27.67 3.31
C VAL C 134 -17.08 -28.44 2.16
N LEU C 135 -16.95 -29.77 2.21
CA LEU C 135 -17.54 -30.63 1.19
C LEU C 135 -19.07 -30.49 1.13
N ASP C 136 -19.73 -30.50 2.28
CA ASP C 136 -21.19 -30.36 2.31
C ASP C 136 -21.65 -29.07 1.63
N LEU C 137 -21.02 -27.95 1.98
CA LEU C 137 -21.40 -26.65 1.41
C LEU C 137 -21.03 -26.55 -0.07
N VAL C 138 -19.86 -27.07 -0.41
CA VAL C 138 -19.39 -27.03 -1.80
C VAL C 138 -20.28 -27.86 -2.73
N GLU C 139 -20.73 -29.03 -2.26
CA GLU C 139 -21.61 -29.88 -3.05
C GLU C 139 -22.98 -29.25 -3.29
N ASP C 140 -23.54 -28.67 -2.24
CA ASP C 140 -24.82 -27.99 -2.34
C ASP C 140 -24.71 -26.81 -3.32
N ALA C 141 -23.74 -25.94 -3.08
CA ALA C 141 -23.55 -24.74 -3.89
C ALA C 141 -23.16 -25.03 -5.33
N ALA C 142 -22.38 -26.10 -5.53
CA ALA C 142 -21.96 -26.49 -6.87
C ALA C 142 -23.17 -26.97 -7.67
N GLU C 143 -23.99 -27.81 -7.04
CA GLU C 143 -25.18 -28.36 -7.70
C GLU C 143 -26.14 -27.26 -8.11
N GLN C 144 -26.34 -26.27 -7.24
CA GLN C 144 -27.32 -25.21 -7.51
C GLN C 144 -26.78 -24.17 -8.49
N PHE C 145 -25.48 -23.91 -8.43
CA PHE C 145 -24.84 -23.01 -9.40
C PHE C 145 -24.89 -23.57 -10.82
N LEU C 146 -24.65 -24.87 -10.97
CA LEU C 146 -24.67 -25.52 -12.28
C LEU C 146 -26.09 -25.73 -12.82
N LEU C 147 -27.04 -26.06 -11.94
CA LEU C 147 -28.43 -26.22 -12.34
C LEU C 147 -29.04 -24.91 -12.76
N LYS C 148 -28.91 -23.99 -11.86
CA LYS C 148 -29.42 -22.66 -12.16
C LYS C 148 -28.77 -22.08 -13.42
N LEU C 149 -27.84 -22.75 -13.99
CA LEU C 149 -27.28 -22.45 -15.31
C LEU C 149 -26.09 -21.50 -15.19
N MET D 1 -22.98 9.41 -22.87
CA MET D 1 -23.30 10.83 -23.21
C MET D 1 -22.12 11.74 -22.88
N GLN D 2 -21.50 11.48 -21.73
CA GLN D 2 -20.33 12.24 -21.30
C GLN D 2 -19.26 11.32 -20.71
N LYS D 3 -18.01 11.74 -20.85
CA LYS D 3 -16.86 10.99 -20.36
C LYS D 3 -16.00 11.92 -19.51
N VAL D 4 -15.83 11.57 -18.24
CA VAL D 4 -15.14 12.44 -17.28
C VAL D 4 -13.94 11.75 -16.65
N LEU D 5 -12.78 12.40 -16.73
CA LEU D 5 -11.58 11.91 -16.06
C LEU D 5 -11.21 12.90 -14.97
N VAL D 6 -11.00 12.38 -13.75
CA VAL D 6 -10.47 13.21 -12.68
C VAL D 6 -9.01 12.83 -12.45
N VAL D 7 -8.18 13.85 -12.31
CA VAL D 7 -6.74 13.67 -12.24
C VAL D 7 -6.18 14.34 -10.99
N CYS D 8 -5.43 13.58 -10.20
CA CYS D 8 -4.62 14.17 -9.15
C CYS D 8 -3.18 13.73 -9.38
N MET D 9 -2.33 13.85 -8.36
CA MET D 9 -0.93 13.54 -8.55
C MET D 9 -0.68 12.04 -8.63
N GLY D 10 -0.99 11.34 -7.55
CA GLY D 10 -0.67 9.92 -7.42
C GLY D 10 -1.83 8.98 -7.71
N ASN D 11 -3.03 9.51 -7.86
CA ASN D 11 -4.22 8.70 -8.13
C ASN D 11 -4.47 7.65 -7.04
N ILE D 12 -4.21 8.02 -5.79
CA ILE D 12 -4.51 7.14 -4.65
C ILE D 12 -5.39 7.78 -3.56
N CYS D 13 -5.41 9.11 -3.47
CA CYS D 13 -6.20 9.81 -2.44
C CYS D 13 -7.35 10.63 -3.02
N ARG D 14 -7.00 11.61 -3.86
CA ARG D 14 -7.98 12.62 -4.28
C ARG D 14 -8.85 12.21 -5.47
N SER D 15 -8.23 11.86 -6.60
CA SER D 15 -9.01 11.49 -7.78
C SER D 15 -9.77 10.17 -7.65
N PRO D 16 -9.23 9.19 -6.90
CA PRO D 16 -10.06 7.99 -6.68
C PRO D 16 -11.34 8.30 -5.90
N THR D 17 -11.25 9.23 -4.96
CA THR D 17 -12.39 9.67 -4.17
C THR D 17 -13.39 10.41 -5.07
N ALA D 18 -12.87 11.30 -5.92
CA ALA D 18 -13.69 11.98 -6.90
C ALA D 18 -14.39 10.98 -7.84
N GLU D 19 -13.65 9.96 -8.27
CA GLU D 19 -14.21 8.95 -9.17
C GLU D 19 -15.37 8.20 -8.52
N ALA D 20 -15.15 7.73 -7.30
CA ALA D 20 -16.17 6.99 -6.56
C ALA D 20 -17.42 7.85 -6.33
N VAL D 21 -17.21 9.10 -5.93
CA VAL D 21 -18.32 10.00 -5.60
C VAL D 21 -19.10 10.40 -6.85
N LEU D 22 -18.39 10.72 -7.93
CA LEU D 22 -19.06 11.08 -9.19
C LEU D 22 -19.92 9.94 -9.73
N ARG D 23 -19.36 8.73 -9.72
CA ARG D 23 -20.09 7.55 -10.18
C ARG D 23 -21.37 7.35 -9.37
N ALA D 24 -21.25 7.43 -8.05
CA ALA D 24 -22.39 7.28 -7.16
C ALA D 24 -23.45 8.37 -7.40
N LYS D 25 -23.03 9.62 -7.35
CA LYS D 25 -23.95 10.74 -7.49
C LYS D 25 -24.60 10.80 -8.87
N ALA D 26 -23.83 10.46 -9.89
CA ALA D 26 -24.34 10.47 -11.27
C ALA D 26 -25.53 9.51 -11.42
N ALA D 27 -25.38 8.31 -10.88
CA ALA D 27 -26.44 7.31 -10.92
C ALA D 27 -27.72 7.78 -10.23
N GLN D 28 -27.57 8.42 -9.07
CA GLN D 28 -28.73 8.95 -8.34
C GLN D 28 -29.38 10.10 -9.11
N LEU D 29 -28.56 10.87 -9.83
CA LEU D 29 -29.04 12.01 -10.59
C LEU D 29 -29.46 11.62 -12.01
N LYS D 30 -29.21 10.36 -12.36
CA LYS D 30 -29.64 9.76 -13.63
C LYS D 30 -28.98 10.42 -14.85
N VAL D 31 -27.85 11.07 -14.62
CA VAL D 31 -27.03 11.63 -15.69
C VAL D 31 -26.13 10.52 -16.23
N ASP D 32 -26.08 10.40 -17.55
CA ASP D 32 -25.36 9.29 -18.19
C ASP D 32 -23.88 9.62 -18.35
N VAL D 33 -23.08 9.29 -17.33
CA VAL D 33 -21.66 9.61 -17.32
C VAL D 33 -20.79 8.40 -17.05
N GLU D 34 -19.75 8.23 -17.85
CA GLU D 34 -18.68 7.28 -17.59
C GLU D 34 -17.56 8.03 -16.87
N VAL D 35 -17.04 7.44 -15.79
CA VAL D 35 -16.03 8.13 -14.98
C VAL D 35 -14.80 7.25 -14.73
N ASP D 36 -13.64 7.89 -14.75
CA ASP D 36 -12.37 7.23 -14.54
C ASP D 36 -11.45 8.22 -13.82
N SER D 37 -10.32 7.76 -13.31
CA SER D 37 -9.33 8.66 -12.74
C SER D 37 -7.91 8.26 -13.13
N ALA D 38 -6.99 9.21 -13.04
CA ALA D 38 -5.59 8.97 -13.37
C ALA D 38 -4.68 9.88 -12.56
N GLY D 39 -3.40 9.53 -12.50
CA GLY D 39 -2.40 10.36 -11.82
C GLY D 39 -1.44 11.00 -12.80
N THR D 40 -0.87 12.14 -12.43
CA THR D 40 0.16 12.78 -13.25
C THR D 40 1.47 11.99 -13.20
N ILE D 41 1.66 11.23 -12.11
CA ILE D 41 2.80 10.34 -11.96
C ILE D 41 2.32 8.90 -11.79
N GLY D 42 3.19 7.95 -12.13
CA GLY D 42 2.86 6.53 -12.03
C GLY D 42 3.52 5.84 -10.85
N TYR D 43 3.96 6.62 -9.87
CA TYR D 43 4.59 6.07 -8.66
C TYR D 43 3.74 4.99 -8.01
N HIS D 44 2.43 5.22 -7.95
CA HIS D 44 1.50 4.31 -7.27
C HIS D 44 0.85 3.29 -8.20
N GLN D 45 1.32 3.22 -9.45
CA GLN D 45 0.77 2.30 -10.46
C GLN D 45 0.29 0.97 -9.85
N GLY D 46 -1.01 0.69 -10.03
CA GLY D 46 -1.56 -0.61 -9.68
C GLY D 46 -2.06 -0.78 -8.26
N ASN D 47 -1.80 0.21 -7.41
CA ASN D 47 -2.25 0.15 -6.01
C ASN D 47 -3.71 0.59 -5.89
N PRO D 48 -4.48 -0.06 -5.00
CA PRO D 48 -5.81 0.44 -4.70
C PRO D 48 -5.70 1.77 -3.96
N PRO D 49 -6.83 2.48 -3.79
CA PRO D 49 -6.75 3.77 -3.11
C PRO D 49 -6.18 3.68 -1.69
N ASP D 50 -5.64 4.80 -1.23
CA ASP D 50 -5.10 4.92 0.13
C ASP D 50 -6.11 4.39 1.14
N ALA D 51 -5.65 3.55 2.06
CA ALA D 51 -6.55 2.91 3.03
C ALA D 51 -7.33 3.92 3.87
N ARG D 52 -6.69 5.06 4.17
CA ARG D 52 -7.36 6.14 4.91
C ARG D 52 -8.45 6.80 4.06
N SER D 53 -8.14 7.04 2.79
CA SER D 53 -9.12 7.59 1.85
C SER D 53 -10.30 6.64 1.67
N LYS D 54 -10.00 5.35 1.54
CA LYS D 54 -11.05 4.32 1.45
C LYS D 54 -11.92 4.30 2.70
N ALA D 55 -11.28 4.19 3.86
CA ALA D 55 -11.99 4.17 5.14
C ALA D 55 -12.91 5.39 5.28
N ALA D 56 -12.37 6.56 5.00
CA ALA D 56 -13.14 7.82 5.13
C ALA D 56 -14.36 7.85 4.22
N GLY D 57 -14.17 7.50 2.96
CA GLY D 57 -15.26 7.49 1.98
C GLY D 57 -16.30 6.43 2.28
N GLU D 58 -15.86 5.31 2.83
CA GLU D 58 -16.75 4.20 3.20
C GLU D 58 -17.64 4.55 4.39
N LYS D 59 -17.17 5.47 5.24
CA LYS D 59 -17.99 5.96 6.34
C LYS D 59 -19.25 6.67 5.83
N ARG D 60 -19.14 7.31 4.66
CA ARG D 60 -20.26 8.03 4.06
C ARG D 60 -21.07 7.17 3.10
N GLY D 61 -20.62 5.94 2.89
CA GLY D 61 -21.34 4.99 2.05
C GLY D 61 -20.80 4.83 0.64
N TYR D 62 -19.59 5.35 0.38
CA TYR D 62 -18.97 5.19 -0.94
C TYR D 62 -18.04 3.99 -0.96
N SER D 63 -17.97 3.32 -2.12
CA SER D 63 -17.12 2.16 -2.28
C SER D 63 -16.04 2.42 -3.33
N PHE D 64 -14.88 1.83 -3.11
CA PHE D 64 -13.70 2.11 -3.94
C PHE D 64 -13.23 0.89 -4.72
N SER D 65 -14.01 -0.17 -4.69
CA SER D 65 -13.67 -1.38 -5.42
C SER D 65 -13.58 -1.07 -6.91
N GLY D 66 -12.64 -1.71 -7.59
CA GLY D 66 -12.44 -1.51 -9.02
C GLY D 66 -11.60 -0.30 -9.39
N ILE D 67 -11.07 0.40 -8.39
CA ILE D 67 -10.20 1.54 -8.63
C ILE D 67 -8.76 1.16 -8.29
N LYS D 68 -7.87 1.36 -9.26
CA LYS D 68 -6.45 1.07 -9.10
C LYS D 68 -5.65 2.19 -9.76
N ALA D 69 -4.65 2.72 -9.05
CA ALA D 69 -3.88 3.86 -9.54
C ALA D 69 -3.29 3.62 -10.93
N ARG D 70 -3.38 4.63 -11.79
CA ARG D 70 -2.78 4.59 -13.12
C ARG D 70 -2.27 5.96 -13.53
N LYS D 71 -1.19 5.98 -14.32
CA LYS D 71 -0.65 7.23 -14.83
C LYS D 71 -1.41 7.66 -16.10
N ILE D 72 -1.67 8.95 -16.20
CA ILE D 72 -2.31 9.56 -17.36
C ILE D 72 -1.64 9.14 -18.66
N ARG D 73 -2.43 9.03 -19.73
CA ARG D 73 -1.94 8.63 -21.05
C ARG D 73 -2.33 9.68 -22.08
N ASP D 74 -1.60 9.72 -23.19
CA ASP D 74 -1.92 10.62 -24.31
C ASP D 74 -3.35 10.39 -24.80
N GLU D 75 -3.75 9.13 -24.86
CA GLU D 75 -5.11 8.73 -25.25
C GLU D 75 -6.21 9.45 -24.47
N ASP D 76 -5.95 9.74 -23.20
CA ASP D 76 -6.96 10.34 -22.32
C ASP D 76 -7.45 11.70 -22.82
N PHE D 77 -6.56 12.46 -23.44
CA PHE D 77 -6.90 13.80 -23.90
C PHE D 77 -7.85 13.78 -25.11
N VAL D 78 -7.88 12.65 -25.80
CA VAL D 78 -8.80 12.46 -26.93
C VAL D 78 -10.11 11.83 -26.46
N LYS D 79 -10.00 10.77 -25.67
CA LYS D 79 -11.14 9.98 -25.24
C LYS D 79 -12.17 10.76 -24.42
N PHE D 80 -11.70 11.54 -23.46
CA PHE D 80 -12.58 12.15 -22.47
C PHE D 80 -13.13 13.51 -22.90
N ASP D 81 -14.38 13.77 -22.51
CA ASP D 81 -15.03 15.05 -22.79
C ASP D 81 -14.63 16.07 -21.74
N TRP D 82 -14.41 15.59 -20.52
CA TRP D 82 -14.00 16.43 -19.41
C TRP D 82 -12.81 15.78 -18.70
N ILE D 83 -11.76 16.57 -18.49
CA ILE D 83 -10.63 16.12 -17.67
C ILE D 83 -10.47 17.11 -16.52
N LEU D 84 -10.74 16.64 -15.31
CA LEU D 84 -10.82 17.51 -14.14
C LEU D 84 -9.62 17.33 -13.21
N ALA D 85 -8.96 18.44 -12.89
CA ALA D 85 -7.75 18.42 -12.05
C ALA D 85 -8.07 18.71 -10.59
N ALA D 86 -7.41 18.01 -9.68
CA ALA D 86 -7.58 18.24 -8.25
C ALA D 86 -7.03 19.59 -7.82
N ASP D 87 -5.81 19.91 -8.26
CA ASP D 87 -5.20 21.21 -7.94
C ASP D 87 -4.52 21.84 -9.16
N GLN D 88 -3.98 23.05 -8.96
CA GLN D 88 -3.41 23.84 -10.06
C GLN D 88 -2.11 23.25 -10.62
N GLU D 89 -1.32 22.59 -9.77
CA GLU D 89 -0.12 21.90 -10.25
C GLU D 89 -0.50 20.70 -11.13
N ASN D 90 -1.54 19.97 -10.74
CA ASN D 90 -2.05 18.90 -11.59
C ASN D 90 -2.51 19.47 -12.92
N LEU D 91 -3.19 20.61 -12.87
CA LEU D 91 -3.70 21.27 -14.07
C LEU D 91 -2.55 21.71 -14.97
N ALA D 92 -1.52 22.30 -14.36
CA ALA D 92 -0.33 22.72 -15.11
C ALA D 92 0.33 21.55 -15.85
N GLU D 93 0.41 20.39 -15.18
CA GLU D 93 0.94 19.18 -15.81
C GLU D 93 0.09 18.75 -16.99
N LEU D 94 -1.24 18.82 -16.79
CA LEU D 94 -2.19 18.48 -17.84
C LEU D 94 -2.07 19.41 -19.05
N LYS D 95 -1.92 20.70 -18.78
CA LYS D 95 -1.81 21.71 -19.84
C LYS D 95 -0.51 21.54 -20.63
N ALA D 96 0.55 21.08 -19.97
CA ALA D 96 1.83 20.83 -20.64
C ALA D 96 1.76 19.60 -21.57
N ARG D 97 0.94 18.61 -21.19
CA ARG D 97 0.84 17.36 -21.96
C ARG D 97 -0.29 17.34 -22.98
N CYS D 98 -1.36 18.08 -22.71
CA CYS D 98 -2.55 18.05 -23.56
C CYS D 98 -2.27 18.70 -24.92
N PRO D 99 -2.75 18.08 -26.02
CA PRO D 99 -2.67 18.74 -27.33
C PRO D 99 -3.49 20.03 -27.37
N GLN D 100 -3.11 20.94 -28.26
CA GLN D 100 -3.78 22.24 -28.38
C GLN D 100 -5.29 22.15 -28.49
N SER D 101 -5.77 21.30 -29.40
CA SER D 101 -7.20 21.24 -29.72
C SER D 101 -8.07 20.75 -28.55
N HIS D 102 -7.44 20.19 -27.53
CA HIS D 102 -8.16 19.60 -26.40
C HIS D 102 -8.02 20.38 -25.10
N GLN D 103 -7.31 21.50 -25.15
CA GLN D 103 -7.07 22.33 -23.96
C GLN D 103 -8.35 22.77 -23.26
N HIS D 104 -9.40 23.01 -24.04
CA HIS D 104 -10.70 23.45 -23.51
C HIS D 104 -11.30 22.46 -22.50
N LYS D 105 -10.89 21.19 -22.62
CA LYS D 105 -11.42 20.12 -21.77
C LYS D 105 -10.90 20.18 -20.34
N LEU D 106 -9.74 20.81 -20.16
CA LEU D 106 -9.07 20.83 -18.87
C LEU D 106 -9.60 21.96 -17.99
N SER D 107 -9.78 21.65 -16.71
CA SER D 107 -10.22 22.62 -15.72
C SER D 107 -10.02 22.03 -14.34
N LEU D 108 -10.03 22.89 -13.33
CA LEU D 108 -10.03 22.43 -11.95
C LEU D 108 -11.40 21.88 -11.64
N MET D 109 -11.44 20.75 -10.94
CA MET D 109 -12.72 20.13 -10.60
C MET D 109 -13.61 21.07 -9.79
N LEU D 110 -13.01 21.84 -8.90
CA LEU D 110 -13.77 22.77 -8.04
C LEU D 110 -14.23 24.04 -8.77
N SER D 111 -13.79 24.23 -10.01
CA SER D 111 -14.20 25.41 -10.80
C SER D 111 -15.68 25.35 -11.18
N HIS D 112 -16.25 24.15 -11.14
CA HIS D 112 -17.66 23.95 -11.45
C HIS D 112 -18.49 23.98 -10.17
N SER D 113 -18.04 24.80 -9.22
CA SER D 113 -18.71 24.94 -7.94
C SER D 113 -18.62 26.37 -7.43
N ASP D 114 -19.61 26.79 -6.66
CA ASP D 114 -19.60 28.08 -5.98
C ASP D 114 -18.84 27.99 -4.66
N SER D 115 -18.13 26.88 -4.47
CA SER D 115 -17.27 26.71 -3.32
C SER D 115 -16.27 27.86 -3.21
N GLU D 116 -15.90 28.19 -1.98
CA GLU D 116 -14.87 29.21 -1.76
C GLU D 116 -13.47 28.64 -2.00
N TYR D 117 -13.37 27.33 -2.20
CA TYR D 117 -12.11 26.65 -2.50
C TYR D 117 -11.97 26.42 -4.01
N GLN D 118 -10.73 26.42 -4.49
CA GLN D 118 -10.44 26.17 -5.90
C GLN D 118 -9.63 24.88 -6.12
N GLU D 119 -8.89 24.48 -5.09
CA GLU D 119 -8.06 23.28 -5.16
C GLU D 119 -8.44 22.28 -4.07
N ILE D 120 -8.24 21.00 -4.38
CA ILE D 120 -8.40 19.93 -3.42
C ILE D 120 -7.02 19.60 -2.85
N PRO D 121 -6.78 19.97 -1.58
CA PRO D 121 -5.45 19.76 -0.99
C PRO D 121 -5.11 18.29 -0.79
N ASP D 122 -3.86 17.93 -1.06
CA ASP D 122 -3.35 16.57 -0.90
C ASP D 122 -3.37 16.18 0.58
N PRO D 123 -4.11 15.12 0.93
CA PRO D 123 -4.20 14.67 2.33
C PRO D 123 -3.09 13.70 2.75
N TYR D 124 -2.23 13.29 1.82
CA TYR D 124 -1.37 12.14 2.06
C TYR D 124 -0.48 12.23 3.32
N TYR D 125 0.10 13.40 3.58
CA TYR D 125 1.03 13.55 4.70
C TYR D 125 0.39 14.19 5.94
N GLY D 126 -0.93 14.31 5.94
CA GLY D 126 -1.64 14.92 7.05
C GLY D 126 -2.46 13.92 7.84
N GLY D 127 -3.30 14.44 8.73
CA GLY D 127 -4.11 13.60 9.60
C GLY D 127 -5.53 13.46 9.11
N GLU D 128 -6.42 13.07 10.02
CA GLU D 128 -7.82 12.77 9.69
C GLU D 128 -8.52 13.90 8.95
N ARG D 129 -8.37 15.12 9.45
CA ARG D 129 -9.06 16.28 8.88
C ARG D 129 -8.92 16.40 7.38
N GLY D 130 -7.70 16.20 6.88
CA GLY D 130 -7.43 16.33 5.45
C GLY D 130 -8.26 15.38 4.60
N PHE D 131 -8.47 14.17 5.11
CA PHE D 131 -9.25 13.17 4.38
C PHE D 131 -10.75 13.50 4.39
N GLU D 132 -11.21 14.07 5.51
CA GLU D 132 -12.58 14.54 5.58
C GLU D 132 -12.79 15.75 4.66
N LEU D 133 -11.79 16.61 4.60
CA LEU D 133 -11.86 17.80 3.74
C LEU D 133 -11.99 17.42 2.27
N VAL D 134 -11.19 16.45 1.82
CA VAL D 134 -11.26 15.98 0.44
C VAL D 134 -12.67 15.51 0.10
N LEU D 135 -13.26 14.71 0.99
CA LEU D 135 -14.62 14.23 0.80
C LEU D 135 -15.64 15.36 0.73
N ASP D 136 -15.50 16.36 1.60
CA ASP D 136 -16.41 17.52 1.59
C ASP D 136 -16.33 18.26 0.25
N LEU D 137 -15.13 18.52 -0.21
CA LEU D 137 -14.91 19.27 -1.45
C LEU D 137 -15.34 18.47 -2.69
N VAL D 138 -15.04 17.19 -2.69
CA VAL D 138 -15.39 16.32 -3.81
C VAL D 138 -16.90 16.17 -3.94
N GLU D 139 -17.58 15.94 -2.82
CA GLU D 139 -19.04 15.81 -2.83
C GLU D 139 -19.73 17.06 -3.37
N ASP D 140 -19.30 18.23 -2.90
CA ASP D 140 -19.86 19.50 -3.36
C ASP D 140 -19.56 19.71 -4.85
N ALA D 141 -18.31 19.54 -5.23
CA ALA D 141 -17.88 19.73 -6.62
C ALA D 141 -18.51 18.73 -7.56
N ALA D 142 -18.65 17.49 -7.09
CA ALA D 142 -19.25 16.42 -7.90
C ALA D 142 -20.74 16.71 -8.10
N GLU D 143 -21.39 17.14 -7.03
CA GLU D 143 -22.82 17.45 -7.06
C GLU D 143 -23.10 18.61 -8.02
N GLN D 144 -22.48 19.76 -7.75
CA GLN D 144 -22.72 20.97 -8.53
C GLN D 144 -22.32 20.78 -10.00
N PHE D 145 -21.26 20.01 -10.23
CA PHE D 145 -20.82 19.70 -11.59
C PHE D 145 -21.85 18.86 -12.35
N LEU D 146 -22.42 17.87 -11.66
CA LEU D 146 -23.41 16.98 -12.26
C LEU D 146 -24.74 17.69 -12.52
N LEU D 147 -25.14 18.56 -11.60
CA LEU D 147 -26.35 19.37 -11.78
C LEU D 147 -26.14 20.42 -12.88
N LYS D 148 -24.88 20.68 -13.22
CA LYS D 148 -24.54 21.62 -14.29
C LYS D 148 -24.01 20.86 -15.51
S1 MPO E . -2.07 -8.39 9.71
O1 MPO E . -2.46 -7.82 10.97
O2 MPO E . -0.88 -7.77 9.24
O4 MPO E . -4.48 -10.75 2.59
N1 MPO E . -3.87 -9.17 4.88
C1 MPO E . -3.29 -8.16 8.57
O3 MPO E . -1.84 -9.97 9.90
C2 MPO E . -3.04 -8.88 7.24
C3 MPO E . -4.15 -8.61 6.21
C4 MPO E . -4.91 -8.78 3.92
C5 MPO E . -4.59 -9.33 2.54
C6 MPO E . -3.46 -11.16 3.50
C7 MPO E . -3.76 -10.64 4.90
S SO4 F . -15.12 -2.48 13.74
O1 SO4 F . -13.91 -1.63 13.74
O2 SO4 F . -16.22 -1.77 14.44
O3 SO4 F . -15.52 -2.75 12.34
O4 SO4 F . -14.83 -3.74 14.43
S SO4 G . 4.61 -16.08 0.62
O1 SO4 G . 5.81 -15.25 0.45
O2 SO4 G . 4.15 -16.51 -0.71
O3 SO4 G . 4.91 -17.27 1.43
O4 SO4 G . 3.55 -15.29 1.28
S1 MPO H . 12.25 18.48 -7.39
O1 MPO H . 11.75 17.62 -6.34
O2 MPO H . 12.92 19.60 -6.81
O4 MPO H . 5.79 16.23 -11.21
N1 MPO H . 7.81 17.80 -10.16
C1 MPO H . 10.98 18.99 -8.35
O3 MPO H . 13.28 17.65 -8.33
C2 MPO H . 10.18 17.89 -9.04
C3 MPO H . 9.10 18.51 -9.92
C4 MPO H . 7.53 16.50 -9.53
C5 MPO H . 6.71 15.54 -10.38
C6 MPO H . 6.48 17.05 -12.14
C7 MPO H . 7.18 18.20 -11.43
S SO4 I . 8.63 32.97 -7.38
O1 SO4 I . 9.98 32.39 -7.54
O2 SO4 I . 8.48 33.53 -6.02
O3 SO4 I . 8.43 34.04 -8.38
O4 SO4 I . 7.62 31.90 -7.59
S SO4 J . 8.25 5.22 -9.95
O1 SO4 J . 9.36 5.28 -10.93
O2 SO4 J . 6.96 5.20 -10.69
O3 SO4 J . 8.30 6.40 -9.06
O4 SO4 J . 8.35 3.99 -9.15
S1 MPO K . -7.56 -22.19 2.13
O1 MPO K . -6.92 -22.71 0.96
O2 MPO K . -7.80 -20.77 1.99
O4 MPO K . -1.23 -19.56 5.89
N1 MPO K . -3.56 -20.98 5.34
C1 MPO K . -6.61 -22.48 3.46
O3 MPO K . -8.99 -22.93 2.34
C2 MPO K . -5.34 -21.64 3.55
C3 MPO K . -4.60 -21.92 4.87
C4 MPO K . -3.31 -19.71 4.59
C5 MPO K . -1.90 -19.16 4.70
C6 MPO K . -1.07 -20.98 5.88
C7 MPO K . -2.43 -21.63 6.03
S SO4 L . -11.16 -34.21 14.91
O1 SO4 L . -11.97 -35.41 15.22
O2 SO4 L . -10.31 -34.46 13.72
O3 SO4 L . -12.08 -33.09 14.62
O4 SO4 L . -10.31 -33.87 16.06
S SO4 M . 2.67 -13.66 -2.97
O1 SO4 M . 2.53 -12.79 -4.16
O2 SO4 M . 3.06 -15.02 -3.40
O3 SO4 M . 3.72 -13.10 -2.09
O4 SO4 M . 1.39 -13.71 -2.23
S1 MPO N . -2.72 11.96 -4.30
O1 MPO N . -2.19 12.79 -5.35
O2 MPO N . -3.86 12.60 -3.71
O4 MPO N . 4.85 10.15 -3.20
N1 MPO N . 2.20 10.83 -2.74
C1 MPO N . -1.54 11.66 -3.15
O3 MPO N . -3.16 10.53 -4.92
C2 MPO N . -0.23 11.06 -3.67
C3 MPO N . 0.75 10.88 -2.50
C4 MPO N . 2.76 11.05 -4.09
C5 MPO N . 4.08 10.35 -4.37
C6 MPO N . 4.15 9.29 -2.32
C7 MPO N . 2.94 10.01 -1.76
S SO4 O . -4.80 13.58 13.44
O1 SO4 O . -4.56 13.90 14.87
O2 SO4 O . -3.73 12.69 12.95
O3 SO4 O . -6.11 12.91 13.31
O4 SO4 O . -4.79 14.83 12.67
S SO4 P . 6.27 7.36 -13.83
O1 SO4 P . 7.01 7.84 -15.02
O2 SO4 P . 5.18 6.45 -14.26
O3 SO4 P . 5.71 8.52 -13.11
O4 SO4 P . 7.20 6.63 -12.96
#